data_8C74
#
_entry.id   8C74
#
_cell.length_a   45.340
_cell.length_b   72.820
_cell.length_c   52.760
_cell.angle_alpha   90.000
_cell.angle_beta   109.230
_cell.angle_gamma   90.000
#
_symmetry.space_group_name_H-M   'P 1 21 1'
#
loop_
_entity.id
_entity.type
_entity.pdbx_description
1 polymer Endothiapepsin
2 non-polymer GLYCEROL
3 non-polymer (3~{R},4~{R})-4-[4-[(4-azanylphenoxy)methyl]-1,2,3-triazol-1-yl]pyrrolidin-3-ol
4 water water
#
_entity_poly.entity_id   1
_entity_poly.type   'polypeptide(L)'
_entity_poly.pdbx_seq_one_letter_code
;MSSPLKNALVTAMLAGGALSSPTKQHVGIPVNASPEVGPGKYSFKQVRNPNYKFNGPLSVKKTYLKYGVPIPAWLEDAVQ
NSTSGLAERSTGSATTTPIDSLDDAYITPVQIGTPAQTLNLDFDTGSSDLWVFSSETTASEVDGQTIYTPSKSTTAKLLS
GATWSISYGDGSSSSGDVYTDTVSVGGLTVTGQAVESAKKVSSSFTEDSTIDGLLGLAFSTLNTVSPTQQKTFFDNAKAS
LDSPVFTADLGYHAPGTYNFGFIDTTAYTGSITYTAVSTKQGFWEWTSTGYAVGSGTFKSTSIDGIADTGTTLLYLPATV
VSAYWAQVSGAKSSSSVGGYVFPCSATLPSFTFGVGSARIVIPGDYIDFGPISTGSSSCFGGIQSSAGIGINIFGDVALK
AAFVVFNGATTPTLGFASK
;
_entity_poly.pdbx_strand_id   A
#
# COMPACT_ATOMS: atom_id res chain seq x y z
N SER A 90 18.15 -9.32 12.77
CA SER A 90 17.91 -9.79 11.42
C SER A 90 17.40 -8.67 10.55
N THR A 91 17.44 -8.89 9.24
CA THR A 91 16.86 -7.97 8.27
C THR A 91 16.27 -8.78 7.12
N GLY A 92 15.46 -8.11 6.30
CA GLY A 92 15.03 -8.67 5.03
C GLY A 92 14.96 -7.56 4.00
N SER A 93 15.04 -7.96 2.72
CA SER A 93 14.98 -7.00 1.62
C SER A 93 14.38 -7.70 0.42
N ALA A 94 13.29 -7.15 -0.12
CA ALA A 94 12.62 -7.77 -1.26
C ALA A 94 12.27 -6.72 -2.29
N THR A 95 12.40 -7.08 -3.55
CA THR A 95 11.99 -6.21 -4.64
C THR A 95 10.49 -6.27 -4.81
N THR A 96 9.87 -5.12 -5.01
CA THR A 96 8.45 -5.01 -5.29
C THR A 96 8.28 -4.49 -6.71
N THR A 97 7.33 -5.06 -7.45
CA THR A 97 7.25 -4.85 -8.90
C THR A 97 5.84 -4.39 -9.26
N PRO A 98 5.69 -3.36 -10.10
CA PRO A 98 4.34 -2.97 -10.52
CA PRO A 98 4.34 -2.96 -10.53
C PRO A 98 3.65 -4.10 -11.27
N ILE A 99 2.34 -4.24 -11.06
CA ILE A 99 1.59 -5.29 -11.72
C ILE A 99 1.30 -5.00 -13.18
N ASP A 100 1.41 -3.74 -13.60
CA ASP A 100 1.04 -3.35 -14.95
C ASP A 100 1.78 -2.05 -15.27
N SER A 101 1.54 -1.53 -16.48
CA SER A 101 2.27 -0.37 -16.98
C SER A 101 1.84 0.93 -16.32
N LEU A 102 0.79 0.92 -15.51
CA LEU A 102 0.29 2.11 -14.83
C LEU A 102 0.65 2.15 -13.37
N ASP A 103 1.37 1.15 -12.86
CA ASP A 103 1.62 1.04 -11.41
C ASP A 103 0.32 0.95 -10.61
N ASP A 104 -0.63 0.16 -11.09
CA ASP A 104 -1.89 0.06 -10.37
C ASP A 104 -1.73 -0.58 -8.99
N ALA A 105 -0.72 -1.43 -8.83
CA ALA A 105 -0.41 -2.04 -7.56
C ALA A 105 0.99 -2.61 -7.71
N TYR A 106 1.56 -3.07 -6.61
CA TYR A 106 2.89 -3.63 -6.58
C TYR A 106 2.82 -4.99 -5.90
N ILE A 107 3.55 -5.96 -6.44
CA ILE A 107 3.61 -7.30 -5.88
C ILE A 107 5.03 -7.63 -5.43
N THR A 108 5.10 -8.34 -4.32
CA THR A 108 6.36 -8.71 -3.69
C THR A 108 6.30 -10.21 -3.44
N PRO A 109 7.33 -10.97 -3.83
CA PRO A 109 7.28 -12.42 -3.60
C PRO A 109 7.48 -12.75 -2.14
N VAL A 110 6.69 -13.72 -1.66
CA VAL A 110 6.69 -14.14 -0.27
C VAL A 110 6.72 -15.67 -0.25
N GLN A 111 7.63 -16.23 0.54
CA GLN A 111 7.74 -17.67 0.70
C GLN A 111 6.88 -18.13 1.88
N ILE A 112 5.99 -19.08 1.63
CA ILE A 112 5.10 -19.60 2.67
C ILE A 112 5.27 -21.11 2.75
N GLY A 113 5.49 -21.64 3.95
CA GLY A 113 5.47 -23.07 4.13
C GLY A 113 6.77 -23.80 3.84
N THR A 114 6.70 -25.13 3.98
CA THR A 114 7.83 -26.02 3.81
C THR A 114 7.40 -27.25 3.03
N PRO A 115 7.97 -27.52 1.84
CA PRO A 115 8.88 -26.64 1.10
C PRO A 115 8.18 -25.32 0.76
N ALA A 116 8.95 -24.30 0.43
CA ALA A 116 8.38 -22.99 0.19
C ALA A 116 7.39 -23.03 -0.96
N GLN A 117 6.28 -22.30 -0.77
CA GLN A 117 5.35 -21.95 -1.82
C GLN A 117 5.45 -20.44 -1.98
N THR A 118 5.90 -19.97 -3.14
CA THR A 118 6.10 -18.53 -3.33
C THR A 118 4.86 -17.93 -3.97
N LEU A 119 4.27 -16.95 -3.28
CA LEU A 119 3.12 -16.20 -3.75
C LEU A 119 3.50 -14.74 -3.87
N ASN A 120 2.88 -14.04 -4.82
CA ASN A 120 3.16 -12.63 -5.04
C ASN A 120 2.09 -11.82 -4.35
N LEU A 121 2.45 -11.16 -3.24
CA LEU A 121 1.48 -10.49 -2.39
C LEU A 121 1.57 -8.99 -2.54
N ASP A 122 0.43 -8.35 -2.29
CA ASP A 122 0.30 -6.90 -2.27
C ASP A 122 0.53 -6.42 -0.84
N PHE A 123 1.71 -5.82 -0.60
CA PHE A 123 2.05 -5.31 0.73
C PHE A 123 1.23 -4.04 0.99
N ASP A 124 0.46 -4.05 2.07
CA ASP A 124 -0.63 -3.10 2.26
C ASP A 124 -0.51 -2.46 3.64
N THR A 125 0.07 -1.25 3.72
CA THR A 125 0.16 -0.57 5.00
C THR A 125 -1.17 -0.01 5.47
N GLY A 126 -2.26 -0.21 4.73
CA GLY A 126 -3.59 0.14 5.13
C GLY A 126 -4.46 -0.99 5.63
N SER A 127 -3.91 -2.18 5.85
CA SER A 127 -4.67 -3.28 6.44
C SER A 127 -3.72 -4.18 7.20
N SER A 128 -4.28 -5.18 7.91
CA SER A 128 -3.50 -5.91 8.91
C SER A 128 -3.72 -7.41 8.85
N ASP A 129 -4.14 -7.93 7.71
CA ASP A 129 -4.34 -9.36 7.49
C ASP A 129 -3.39 -9.81 6.39
N LEU A 130 -2.73 -10.94 6.61
CA LEU A 130 -1.95 -11.61 5.59
C LEU A 130 -2.87 -12.72 5.09
N TRP A 131 -3.45 -12.54 3.91
CA TRP A 131 -4.37 -13.52 3.37
C TRP A 131 -3.96 -13.89 1.96
N VAL A 132 -4.28 -15.13 1.59
CA VAL A 132 -3.83 -15.69 0.32
C VAL A 132 -4.94 -16.48 -0.37
N PHE A 133 -4.89 -16.45 -1.69
CA PHE A 133 -5.61 -17.44 -2.48
C PHE A 133 -5.08 -18.82 -2.08
N SER A 134 -5.96 -19.82 -2.02
CA SER A 134 -5.53 -21.08 -1.43
C SER A 134 -6.25 -22.24 -2.11
N SER A 135 -5.84 -23.44 -1.69
CA SER A 135 -6.54 -24.68 -2.02
C SER A 135 -7.98 -24.66 -1.54
N GLU A 136 -8.31 -23.78 -0.60
CA GLU A 136 -9.64 -23.69 -0.04
C GLU A 136 -10.52 -22.67 -0.77
N THR A 137 -9.98 -21.91 -1.71
CA THR A 137 -10.75 -20.86 -2.36
C THR A 137 -11.72 -21.47 -3.36
N THR A 138 -12.98 -21.05 -3.30
CA THR A 138 -14.00 -21.46 -4.26
C THR A 138 -13.43 -21.42 -5.67
N ALA A 139 -13.54 -22.55 -6.37
CA ALA A 139 -12.80 -22.72 -7.63
C ALA A 139 -13.17 -21.66 -8.66
N SER A 140 -14.45 -21.28 -8.73
CA SER A 140 -14.89 -20.27 -9.69
C SER A 140 -14.37 -18.88 -9.37
N GLU A 141 -13.82 -18.67 -8.17
CA GLU A 141 -13.28 -17.38 -7.77
C GLU A 141 -11.77 -17.30 -7.94
N VAL A 142 -11.14 -18.33 -8.49
CA VAL A 142 -9.71 -18.34 -8.79
C VAL A 142 -9.57 -18.26 -10.30
N ASP A 143 -8.79 -17.28 -10.78
CA ASP A 143 -8.58 -17.07 -12.22
C ASP A 143 -7.11 -16.66 -12.46
N GLY A 144 -6.21 -17.62 -12.37
CA GLY A 144 -4.82 -17.42 -12.69
C GLY A 144 -3.91 -17.15 -11.51
N GLN A 145 -4.45 -16.92 -10.31
CA GLN A 145 -3.61 -16.69 -9.14
C GLN A 145 -2.87 -17.96 -8.75
N THR A 146 -1.69 -17.78 -8.17
CA THR A 146 -1.01 -18.89 -7.51
C THR A 146 -1.62 -19.10 -6.13
N ILE A 147 -1.86 -20.37 -5.79
CA ILE A 147 -2.54 -20.69 -4.53
C ILE A 147 -1.57 -21.29 -3.53
N TYR A 148 -1.85 -21.03 -2.25
CA TYR A 148 -1.21 -21.71 -1.13
C TYR A 148 -2.00 -22.97 -0.79
N THR A 149 -1.31 -24.10 -0.70
CA THR A 149 -1.94 -25.36 -0.31
C THR A 149 -1.36 -25.79 1.02
N PRO A 150 -2.01 -25.50 2.14
CA PRO A 150 -1.39 -25.84 3.44
C PRO A 150 -1.18 -27.33 3.64
N SER A 151 -2.00 -28.19 3.02
CA SER A 151 -1.82 -29.62 3.20
C SER A 151 -0.49 -30.12 2.64
N LYS A 152 0.15 -29.34 1.76
CA LYS A 152 1.46 -29.68 1.21
C LYS A 152 2.59 -29.03 1.97
N SER A 153 2.30 -28.30 3.03
CA SER A 153 3.33 -27.68 3.85
C SER A 153 3.47 -28.45 5.15
N THR A 154 4.65 -28.98 5.41
CA THR A 154 4.84 -29.78 6.61
C THR A 154 4.89 -28.94 7.87
N THR A 155 5.03 -27.63 7.75
CA THR A 155 5.01 -26.72 8.89
C THR A 155 3.67 -26.04 9.09
N ALA A 156 2.69 -26.27 8.23
CA ALA A 156 1.39 -25.64 8.38
C ALA A 156 0.60 -26.33 9.47
N LYS A 157 -0.15 -25.55 10.23
CA LYS A 157 -1.06 -26.07 11.24
CA LYS A 157 -1.06 -26.08 11.22
C LYS A 157 -2.34 -25.27 11.18
N LEU A 158 -3.47 -25.97 11.05
CA LEU A 158 -4.76 -25.28 11.11
C LEU A 158 -4.90 -24.61 12.46
N LEU A 159 -5.28 -23.33 12.46
CA LEU A 159 -5.55 -22.61 13.70
C LEU A 159 -7.00 -22.90 14.03
N SER A 160 -7.20 -23.78 15.01
CA SER A 160 -8.50 -24.39 15.24
C SER A 160 -9.53 -23.34 15.61
N GLY A 161 -10.65 -23.34 14.87
CA GLY A 161 -11.76 -22.46 15.13
C GLY A 161 -11.61 -21.05 14.63
N ALA A 162 -10.48 -20.70 14.05
CA ALA A 162 -10.22 -19.32 13.67
C ALA A 162 -10.74 -19.06 12.27
N THR A 163 -11.44 -17.94 12.12
CA THR A 163 -11.87 -17.47 10.81
C THR A 163 -11.51 -16.00 10.67
N TRP A 164 -11.62 -15.52 9.44
CA TRP A 164 -11.35 -14.11 9.18
C TRP A 164 -12.31 -13.65 8.11
N SER A 165 -12.55 -12.33 8.10
CA SER A 165 -13.44 -11.73 7.11
C SER A 165 -13.12 -10.25 7.07
N ILE A 166 -12.81 -9.75 5.89
CA ILE A 166 -12.38 -8.36 5.76
C ILE A 166 -13.25 -7.67 4.71
N SER A 167 -13.67 -6.44 5.03
CA SER A 167 -14.44 -5.60 4.13
C SER A 167 -13.63 -4.32 3.95
N TYR A 168 -13.00 -4.18 2.79
CA TYR A 168 -12.13 -3.04 2.54
C TYR A 168 -12.95 -1.80 2.22
N GLY A 169 -12.33 -0.64 2.40
CA GLY A 169 -13.02 0.62 2.17
C GLY A 169 -13.51 0.78 0.75
N ASP A 170 -12.83 0.17 -0.21
CA ASP A 170 -13.24 0.27 -1.60
C ASP A 170 -14.39 -0.67 -1.97
N GLY A 171 -14.92 -1.43 -1.01
CA GLY A 171 -16.01 -2.34 -1.26
C GLY A 171 -15.61 -3.77 -1.56
N SER A 172 -14.32 -4.05 -1.74
CA SER A 172 -13.90 -5.42 -1.96
C SER A 172 -13.88 -6.17 -0.63
N SER A 173 -13.76 -7.50 -0.71
CA SER A 173 -13.86 -8.32 0.49
C SER A 173 -13.27 -9.70 0.25
N SER A 174 -12.98 -10.39 1.36
CA SER A 174 -12.52 -11.77 1.32
C SER A 174 -12.67 -12.35 2.73
N SER A 175 -12.68 -13.68 2.82
CA SER A 175 -12.87 -14.34 4.11
C SER A 175 -12.43 -15.79 4.01
N GLY A 176 -12.20 -16.41 5.17
CA GLY A 176 -11.84 -17.83 5.14
C GLY A 176 -11.38 -18.34 6.49
N ASP A 177 -10.46 -19.32 6.43
CA ASP A 177 -9.91 -20.03 7.59
C ASP A 177 -8.46 -19.59 7.79
N VAL A 178 -7.78 -20.16 8.79
CA VAL A 178 -6.48 -19.64 9.21
C VAL A 178 -5.56 -20.81 9.51
N TYR A 179 -4.33 -20.70 9.02
CA TYR A 179 -3.24 -21.61 9.34
C TYR A 179 -2.15 -20.79 9.99
N THR A 180 -1.30 -21.46 10.77
CA THR A 180 0.00 -20.88 11.07
C THR A 180 1.05 -21.60 10.24
N ASP A 181 2.02 -20.84 9.76
CA ASP A 181 3.07 -21.43 8.96
C ASP A 181 4.28 -20.52 8.94
N THR A 182 5.36 -21.02 8.40
CA THR A 182 6.58 -20.22 8.27
CA THR A 182 6.58 -20.22 8.27
C THR A 182 6.47 -19.29 7.01
N VAL A 183 6.77 -18.01 7.23
CA VAL A 183 6.67 -17.03 6.14
C VAL A 183 7.97 -16.27 6.08
N SER A 184 8.53 -16.13 4.89
CA SER A 184 9.77 -15.41 4.69
C SER A 184 9.59 -14.34 3.62
N VAL A 185 10.16 -13.18 3.88
CA VAL A 185 10.16 -12.06 2.94
C VAL A 185 11.60 -11.59 2.79
N GLY A 186 12.14 -11.74 1.59
CA GLY A 186 13.44 -11.16 1.33
C GLY A 186 14.52 -11.63 2.28
N GLY A 187 14.45 -12.90 2.71
CA GLY A 187 15.42 -13.43 3.64
C GLY A 187 15.08 -13.33 5.11
N LEU A 188 14.01 -12.64 5.48
CA LEU A 188 13.57 -12.50 6.87
C LEU A 188 12.47 -13.53 7.14
N THR A 189 12.64 -14.36 8.16
CA THR A 189 11.73 -15.48 8.40
C THR A 189 10.98 -15.32 9.71
N VAL A 190 9.66 -15.52 9.67
CA VAL A 190 8.81 -15.60 10.85
C VAL A 190 8.21 -17.00 10.89
N THR A 191 8.39 -17.70 12.01
CA THR A 191 7.67 -18.95 12.22
C THR A 191 6.36 -18.67 12.96
N GLY A 192 5.36 -19.51 12.71
CA GLY A 192 4.09 -19.34 13.37
C GLY A 192 3.30 -18.12 12.93
N GLN A 193 3.56 -17.62 11.72
CA GLN A 193 2.77 -16.51 11.21
C GLN A 193 1.36 -16.99 10.87
N ALA A 194 0.36 -16.20 11.23
CA ALA A 194 -1.00 -16.48 10.78
C ALA A 194 -1.12 -16.19 9.29
N VAL A 195 -1.46 -17.22 8.53
CA VAL A 195 -1.67 -17.15 7.09
C VAL A 195 -3.15 -17.41 6.88
N GLU A 196 -3.86 -16.37 6.48
CA GLU A 196 -5.31 -16.44 6.34
C GLU A 196 -5.65 -16.95 4.95
N SER A 197 -6.28 -18.11 4.89
CA SER A 197 -6.56 -18.78 3.63
C SER A 197 -7.94 -18.43 3.17
N ALA A 198 -8.05 -17.92 1.95
CA ALA A 198 -9.33 -17.50 1.47
C ALA A 198 -10.25 -18.63 1.05
N LYS A 199 -11.44 -18.65 1.62
CA LYS A 199 -12.49 -19.50 1.09
C LYS A 199 -13.34 -18.76 0.08
N LYS A 200 -13.47 -17.44 0.23
CA LYS A 200 -14.25 -16.59 -0.66
C LYS A 200 -13.49 -15.30 -0.88
N VAL A 201 -13.54 -14.78 -2.11
CA VAL A 201 -12.99 -13.47 -2.45
C VAL A 201 -13.99 -12.76 -3.35
N SER A 202 -13.99 -11.42 -3.27
CA SER A 202 -14.87 -10.65 -4.15
C SER A 202 -14.30 -10.58 -5.57
N SER A 203 -15.17 -10.14 -6.49
CA SER A 203 -14.83 -10.21 -7.91
C SER A 203 -13.58 -9.43 -8.27
N SER A 204 -13.32 -8.30 -7.60
CA SER A 204 -12.13 -7.53 -7.95
C SER A 204 -10.85 -8.32 -7.70
N PHE A 205 -10.83 -9.16 -6.67
CA PHE A 205 -9.67 -9.99 -6.42
C PHE A 205 -9.54 -11.09 -7.47
N THR A 206 -10.64 -11.77 -7.78
CA THR A 206 -10.62 -12.80 -8.82
C THR A 206 -10.11 -12.25 -10.14
N GLU A 207 -10.57 -11.05 -10.50
CA GLU A 207 -10.26 -10.46 -11.79
C GLU A 207 -8.81 -9.99 -11.90
N ASP A 208 -8.07 -9.93 -10.79
CA ASP A 208 -6.67 -9.54 -10.83
C ASP A 208 -5.79 -10.77 -10.67
N SER A 209 -5.38 -11.34 -11.80
CA SER A 209 -4.61 -12.57 -11.79
C SER A 209 -3.20 -12.39 -11.25
N THR A 210 -2.72 -11.15 -11.12
CA THR A 210 -1.33 -10.90 -10.71
C THR A 210 -1.14 -10.86 -9.21
N ILE A 211 -2.21 -10.79 -8.43
CA ILE A 211 -2.11 -10.60 -6.99
C ILE A 211 -2.64 -11.85 -6.30
N ASP A 212 -1.75 -12.55 -5.60
CA ASP A 212 -2.07 -13.82 -4.97
C ASP A 212 -2.58 -13.66 -3.54
N GLY A 213 -2.63 -12.44 -3.04
CA GLY A 213 -3.09 -12.15 -1.70
C GLY A 213 -2.47 -10.84 -1.23
N LEU A 214 -2.72 -10.54 0.04
CA LEU A 214 -2.29 -9.30 0.65
C LEU A 214 -1.43 -9.61 1.86
N LEU A 215 -0.45 -8.76 2.13
CA LEU A 215 0.33 -8.83 3.35
C LEU A 215 0.14 -7.50 4.08
N GLY A 216 -0.67 -7.52 5.14
CA GLY A 216 -1.00 -6.30 5.85
C GLY A 216 0.14 -5.82 6.73
N LEU A 217 0.36 -4.50 6.70
CA LEU A 217 1.43 -3.83 7.43
C LEU A 217 0.91 -2.66 8.25
N ALA A 218 -0.40 -2.54 8.42
CA ALA A 218 -0.98 -1.61 9.40
C ALA A 218 -0.86 -2.25 10.79
N PHE A 219 -1.52 -1.67 11.79
CA PHE A 219 -1.32 -2.12 13.15
C PHE A 219 -2.18 -3.35 13.44
N SER A 220 -1.65 -4.24 14.29
CA SER A 220 -2.34 -5.52 14.51
C SER A 220 -3.73 -5.37 15.13
N THR A 221 -4.04 -4.23 15.76
CA THR A 221 -5.39 -4.00 16.27
C THR A 221 -6.45 -4.11 15.17
N LEU A 222 -6.09 -3.95 13.90
CA LEU A 222 -7.05 -4.08 12.81
C LEU A 222 -7.19 -5.51 12.30
N ASN A 223 -6.39 -6.46 12.78
CA ASN A 223 -6.46 -7.79 12.22
C ASN A 223 -7.84 -8.40 12.47
N THR A 224 -8.40 -9.10 11.47
CA THR A 224 -9.79 -9.55 11.55
C THR A 224 -9.96 -10.98 12.05
N VAL A 225 -8.90 -11.69 12.40
CA VAL A 225 -9.06 -13.08 12.80
C VAL A 225 -9.87 -13.14 14.09
N SER A 226 -10.85 -14.05 14.13
CA SER A 226 -11.73 -14.27 15.25
C SER A 226 -11.74 -15.75 15.57
N PRO A 227 -11.83 -16.14 16.86
CA PRO A 227 -12.03 -15.29 18.03
C PRO A 227 -10.74 -14.78 18.65
N THR A 228 -9.58 -15.13 18.09
CA THR A 228 -8.27 -14.75 18.62
C THR A 228 -7.56 -13.93 17.55
N GLN A 229 -7.49 -12.62 17.75
N GLN A 229 -7.46 -12.62 17.78
CA GLN A 229 -6.79 -11.76 16.81
CA GLN A 229 -6.80 -11.74 16.82
C GLN A 229 -5.35 -12.21 16.65
C GLN A 229 -5.33 -12.10 16.68
N GLN A 230 -4.82 -12.01 15.46
CA GLN A 230 -3.47 -12.41 15.12
C GLN A 230 -2.60 -11.21 14.78
N LYS A 231 -1.28 -11.42 14.89
CA LYS A 231 -0.31 -10.36 14.63
C LYS A 231 0.12 -10.31 13.17
N THR A 232 0.44 -9.11 12.71
CA THR A 232 1.01 -8.96 11.38
C THR A 232 2.41 -9.54 11.31
N PHE A 233 2.87 -9.76 10.07
CA PHE A 233 4.22 -10.22 9.81
C PHE A 233 5.25 -9.30 10.46
N PHE A 234 5.06 -7.99 10.31
CA PHE A 234 5.99 -7.04 10.90
C PHE A 234 5.98 -7.12 12.43
N ASP A 235 4.79 -7.21 13.04
CA ASP A 235 4.75 -7.32 14.48
C ASP A 235 5.44 -8.58 14.98
N ASN A 236 5.26 -9.70 14.26
CA ASN A 236 5.93 -10.93 14.66
C ASN A 236 7.45 -10.83 14.49
N ALA A 237 7.92 -10.13 13.45
CA ALA A 237 9.35 -10.04 13.19
C ALA A 237 10.05 -9.01 14.06
N LYS A 238 9.29 -8.05 14.61
CA LYS A 238 9.85 -6.80 15.12
C LYS A 238 10.98 -7.01 16.10
N ALA A 239 10.77 -7.90 17.07
CA ALA A 239 11.73 -8.05 18.15
C ALA A 239 13.04 -8.61 17.65
N SER A 240 13.01 -9.37 16.55
N SER A 240 13.02 -9.37 16.55
CA SER A 240 14.22 -9.95 15.98
CA SER A 240 14.24 -9.95 16.00
C SER A 240 14.97 -8.98 15.08
C SER A 240 14.96 -9.01 15.06
N LEU A 241 14.29 -7.98 14.56
CA LEU A 241 14.90 -7.07 13.60
C LEU A 241 15.99 -6.24 14.24
N ASP A 242 17.00 -5.88 13.44
CA ASP A 242 18.07 -5.02 13.93
C ASP A 242 17.50 -3.69 14.46
N SER A 243 16.50 -3.14 13.77
CA SER A 243 15.79 -1.95 14.20
CA SER A 243 15.79 -1.95 14.20
C SER A 243 14.31 -2.21 13.86
N PRO A 244 13.38 -1.76 14.71
CA PRO A 244 11.95 -2.12 14.51
C PRO A 244 11.27 -1.25 13.47
N VAL A 245 11.71 -1.37 12.21
CA VAL A 245 11.27 -0.51 11.13
C VAL A 245 11.12 -1.34 9.86
N PHE A 246 10.30 -0.82 8.95
CA PHE A 246 10.35 -1.27 7.57
C PHE A 246 10.28 -0.03 6.68
N THR A 247 10.75 -0.17 5.44
CA THR A 247 10.77 0.97 4.53
C THR A 247 10.13 0.57 3.21
N ALA A 248 9.43 1.53 2.62
CA ALA A 248 8.81 1.38 1.31
C ALA A 248 9.49 2.33 0.35
N ASP A 249 10.02 1.79 -0.74
CA ASP A 249 10.69 2.55 -1.79
C ASP A 249 10.06 2.09 -3.11
N LEU A 250 8.88 2.61 -3.41
CA LEU A 250 8.14 2.19 -4.60
C LEU A 250 8.68 2.91 -5.82
N GLY A 251 8.79 2.18 -6.92
CA GLY A 251 9.26 2.76 -8.16
C GLY A 251 8.15 3.36 -9.01
N TYR A 252 8.53 4.31 -9.85
CA TYR A 252 7.63 4.85 -10.87
C TYR A 252 7.89 4.07 -12.15
N HIS A 253 6.89 3.30 -12.57
CA HIS A 253 7.00 2.47 -13.78
C HIS A 253 8.27 1.60 -13.73
N ALA A 254 8.60 1.10 -12.55
CA ALA A 254 9.84 0.37 -12.33
C ALA A 254 9.75 -0.36 -11.00
N PRO A 255 10.57 -1.38 -10.80
CA PRO A 255 10.60 -2.04 -9.49
C PRO A 255 11.14 -1.12 -8.40
N GLY A 256 10.84 -1.49 -7.17
CA GLY A 256 11.31 -0.80 -5.99
C GLY A 256 11.61 -1.83 -4.91
N THR A 257 11.64 -1.41 -3.65
CA THR A 257 12.14 -2.26 -2.58
C THR A 257 11.35 -2.07 -1.31
N TYR A 258 11.04 -3.18 -0.62
CA TYR A 258 10.63 -3.18 0.78
C TYR A 258 11.78 -3.76 1.59
N ASN A 259 12.25 -2.99 2.57
CA ASN A 259 13.27 -3.47 3.50
C ASN A 259 12.68 -3.57 4.90
N PHE A 260 13.15 -4.57 5.65
CA PHE A 260 12.75 -4.78 7.03
C PHE A 260 14.00 -4.76 7.90
N GLY A 261 13.98 -3.92 8.94
CA GLY A 261 15.00 -3.99 9.96
C GLY A 261 16.16 -3.04 9.80
N PHE A 262 16.20 -2.29 8.70
CA PHE A 262 17.27 -1.36 8.48
C PHE A 262 16.91 -0.27 7.52
N ILE A 263 17.63 0.84 7.57
CA ILE A 263 17.44 1.94 6.65
CA ILE A 263 17.44 1.95 6.65
C ILE A 263 18.63 1.99 5.62
N ASP A 264 18.30 1.83 4.35
CA ASP A 264 19.34 1.88 3.31
C ASP A 264 19.64 3.35 3.04
N THR A 265 20.74 3.84 3.63
CA THR A 265 21.07 5.26 3.51
C THR A 265 21.53 5.64 2.10
N THR A 266 21.68 4.69 1.20
CA THR A 266 21.98 5.01 -0.19
C THR A 266 20.72 5.17 -1.05
N ALA A 267 19.54 4.95 -0.48
CA ALA A 267 18.33 4.87 -1.27
C ALA A 267 17.57 6.18 -1.35
N TYR A 268 18.08 7.26 -0.77
CA TYR A 268 17.37 8.53 -0.77
C TYR A 268 18.39 9.66 -0.80
N THR A 269 17.90 10.85 -1.14
CA THR A 269 18.72 12.05 -1.11
C THR A 269 18.35 12.86 0.12
N GLY A 270 19.27 13.74 0.52
CA GLY A 270 18.97 14.59 1.66
C GLY A 270 18.78 13.77 2.92
N SER A 271 17.92 14.27 3.79
N SER A 271 17.92 14.27 3.80
CA SER A 271 17.64 13.63 5.08
CA SER A 271 17.64 13.63 5.08
C SER A 271 16.23 13.10 5.11
C SER A 271 16.21 13.13 5.14
N ILE A 272 15.97 12.21 6.06
CA ILE A 272 14.64 11.69 6.33
C ILE A 272 14.00 12.59 7.38
N THR A 273 12.84 13.16 7.05
CA THR A 273 12.07 13.93 8.03
C THR A 273 11.02 13.04 8.65
N TYR A 274 11.09 12.91 9.98
CA TYR A 274 10.13 12.10 10.71
C TYR A 274 8.99 12.96 11.23
N THR A 275 7.81 12.34 11.30
CA THR A 275 6.58 13.02 11.66
C THR A 275 5.73 12.10 12.53
N ALA A 276 4.90 12.70 13.39
CA ALA A 276 4.15 11.93 14.37
C ALA A 276 3.06 11.09 13.72
N VAL A 277 2.79 9.94 14.34
CA VAL A 277 1.77 9.00 13.90
C VAL A 277 0.73 8.84 15.00
N SER A 278 -0.54 8.82 14.62
CA SER A 278 -1.62 8.37 15.50
C SER A 278 -1.99 6.94 15.11
N THR A 279 -1.94 6.02 16.08
CA THR A 279 -2.35 4.65 15.84
C THR A 279 -3.78 4.36 16.31
N LYS A 280 -4.53 5.41 16.66
CA LYS A 280 -5.83 5.22 17.30
C LYS A 280 -6.83 4.51 16.40
N GLN A 281 -6.72 4.68 15.08
CA GLN A 281 -7.58 3.98 14.13
C GLN A 281 -6.92 2.75 13.54
N GLY A 282 -5.71 2.39 13.99
CA GLY A 282 -5.01 1.22 13.48
C GLY A 282 -4.19 1.47 12.23
N PHE A 283 -4.15 2.70 11.74
CA PHE A 283 -3.45 3.05 10.51
C PHE A 283 -2.18 3.83 10.83
N TRP A 284 -1.34 3.99 9.80
CA TRP A 284 -0.20 4.91 9.85
C TRP A 284 -0.75 6.30 9.51
N GLU A 285 -1.40 6.92 10.49
CA GLU A 285 -2.07 8.20 10.31
C GLU A 285 -1.15 9.32 10.73
N TRP A 286 -1.06 10.37 9.92
CA TRP A 286 -0.13 11.46 10.14
C TRP A 286 -0.76 12.73 9.60
N THR A 287 -0.06 13.85 9.75
CA THR A 287 -0.59 15.14 9.32
C THR A 287 0.42 15.82 8.42
N SER A 288 0.08 15.95 7.14
CA SER A 288 0.91 16.73 6.25
C SER A 288 0.76 18.21 6.56
N THR A 289 1.83 18.97 6.33
CA THR A 289 1.86 20.40 6.63
C THR A 289 1.38 21.29 5.48
N GLY A 290 1.04 20.74 4.31
CA GLY A 290 0.45 21.56 3.27
C GLY A 290 0.80 21.04 1.89
N TYR A 291 0.58 21.89 0.89
CA TYR A 291 0.79 21.46 -0.48
C TYR A 291 1.11 22.63 -1.40
N ALA A 292 1.67 22.30 -2.57
CA ALA A 292 1.80 23.24 -3.66
C ALA A 292 1.42 22.53 -4.95
N VAL A 293 0.97 23.31 -5.93
CA VAL A 293 0.66 22.81 -7.27
C VAL A 293 1.69 23.38 -8.23
N GLY A 294 2.40 22.51 -8.94
CA GLY A 294 3.41 22.95 -9.88
C GLY A 294 4.41 23.86 -9.21
N SER A 295 4.71 24.98 -9.86
CA SER A 295 5.66 25.95 -9.32
CA SER A 295 5.66 25.95 -9.32
C SER A 295 5.00 26.98 -8.41
N GLY A 296 3.77 26.75 -8.04
CA GLY A 296 3.06 27.65 -7.19
C GLY A 296 3.50 27.74 -5.75
N THR A 297 3.01 28.76 -5.09
CA THR A 297 3.33 28.96 -3.68
CA THR A 297 3.31 28.97 -3.68
C THR A 297 2.80 27.80 -2.76
N PHE A 298 3.58 27.50 -1.77
CA PHE A 298 3.19 26.44 -0.84
C PHE A 298 2.11 26.97 0.10
N LYS A 299 1.01 26.21 0.23
CA LYS A 299 -0.10 26.52 1.12
C LYS A 299 0.09 25.72 2.41
N SER A 300 0.34 26.43 3.51
CA SER A 300 0.51 25.78 4.81
C SER A 300 -0.86 25.48 5.39
N THR A 301 -1.17 24.20 5.52
CA THR A 301 -2.48 23.76 6.02
C THR A 301 -2.33 22.31 6.45
N SER A 302 -2.97 21.96 7.56
CA SER A 302 -2.85 20.61 8.09
C SER A 302 -3.75 19.66 7.32
N ILE A 303 -3.18 18.57 6.80
CA ILE A 303 -3.96 17.57 6.07
C ILE A 303 -3.70 16.23 6.75
N ASP A 304 -4.66 15.77 7.54
CA ASP A 304 -4.57 14.46 8.18
C ASP A 304 -4.83 13.38 7.15
N GLY A 305 -4.06 12.29 7.21
CA GLY A 305 -4.35 11.19 6.29
C GLY A 305 -3.50 10.00 6.66
N ILE A 306 -3.63 8.93 5.86
CA ILE A 306 -2.91 7.69 6.13
C ILE A 306 -1.90 7.41 5.04
N ALA A 307 -0.78 6.83 5.42
CA ALA A 307 0.21 6.35 4.47
C ALA A 307 -0.16 4.91 4.11
N ASP A 308 -0.63 4.70 2.86
CA ASP A 308 -1.26 3.45 2.47
C ASP A 308 -0.68 2.91 1.17
N THR A 309 0.27 1.98 1.28
CA THR A 309 0.85 1.37 0.08
C THR A 309 -0.17 0.55 -0.71
N GLY A 310 -1.28 0.15 -0.10
CA GLY A 310 -2.29 -0.64 -0.78
C GLY A 310 -3.31 0.15 -1.56
N THR A 311 -3.25 1.48 -1.53
CA THR A 311 -4.13 2.34 -2.31
C THR A 311 -3.31 2.93 -3.45
N THR A 312 -3.84 2.83 -4.68
CA THR A 312 -3.07 3.27 -5.84
C THR A 312 -2.88 4.78 -5.86
N LEU A 313 -3.97 5.53 -5.63
CA LEU A 313 -4.00 6.95 -5.91
C LEU A 313 -3.81 7.80 -4.65
N LEU A 314 -3.75 9.11 -4.87
CA LEU A 314 -3.64 10.11 -3.81
C LEU A 314 -5.01 10.74 -3.65
N TYR A 315 -5.63 10.56 -2.48
CA TYR A 315 -6.98 11.05 -2.20
C TYR A 315 -6.89 12.14 -1.16
N LEU A 316 -7.29 13.35 -1.53
CA LEU A 316 -7.13 14.55 -0.71
C LEU A 316 -8.42 15.35 -0.68
N PRO A 317 -8.52 16.34 0.21
CA PRO A 317 -9.77 17.11 0.29
C PRO A 317 -10.12 17.78 -1.03
N ALA A 318 -11.42 17.93 -1.24
CA ALA A 318 -11.92 18.46 -2.51
C ALA A 318 -11.33 19.81 -2.87
N THR A 319 -11.08 20.66 -1.87
CA THR A 319 -10.49 21.97 -2.17
C THR A 319 -9.11 21.83 -2.79
N VAL A 320 -8.29 20.95 -2.22
CA VAL A 320 -6.93 20.72 -2.69
C VAL A 320 -6.95 20.15 -4.11
N VAL A 321 -7.81 19.16 -4.32
CA VAL A 321 -7.88 18.47 -5.60
C VAL A 321 -8.38 19.41 -6.68
N SER A 322 -9.35 20.27 -6.35
CA SER A 322 -9.83 21.24 -7.32
C SER A 322 -8.73 22.22 -7.70
N ALA A 323 -7.94 22.67 -6.71
CA ALA A 323 -6.83 23.57 -7.00
C ALA A 323 -5.80 22.93 -7.93
N TYR A 324 -5.54 21.63 -7.75
CA TYR A 324 -4.62 20.94 -8.66
C TYR A 324 -5.17 20.91 -10.09
N TRP A 325 -6.38 20.35 -10.27
CA TRP A 325 -6.88 20.13 -11.61
C TRP A 325 -7.23 21.42 -12.33
N ALA A 326 -7.43 22.52 -11.60
CA ALA A 326 -7.66 23.80 -12.25
C ALA A 326 -6.46 24.26 -13.06
N GLN A 327 -5.27 23.69 -12.79
CA GLN A 327 -4.08 24.03 -13.54
C GLN A 327 -3.88 23.18 -14.78
N VAL A 328 -4.84 22.32 -15.11
CA VAL A 328 -4.76 21.42 -16.26
C VAL A 328 -5.92 21.79 -17.19
N SER A 329 -5.59 22.38 -18.34
CA SER A 329 -6.62 22.85 -19.25
CA SER A 329 -6.64 22.85 -19.24
C SER A 329 -7.50 21.69 -19.71
N GLY A 330 -8.80 21.84 -19.54
CA GLY A 330 -9.74 20.84 -19.96
C GLY A 330 -10.02 19.76 -18.94
N ALA A 331 -9.34 19.75 -17.79
CA ALA A 331 -9.62 18.74 -16.78
C ALA A 331 -10.95 19.04 -16.12
N LYS A 332 -11.66 17.98 -15.75
CA LYS A 332 -12.99 18.12 -15.16
C LYS A 332 -13.29 16.92 -14.29
N SER A 333 -14.13 17.12 -13.29
CA SER A 333 -14.64 15.99 -12.53
C SER A 333 -15.84 15.40 -13.26
N SER A 334 -15.76 14.11 -13.51
CA SER A 334 -16.78 13.39 -14.27
C SER A 334 -17.49 12.44 -13.32
N SER A 335 -18.78 12.69 -13.07
CA SER A 335 -19.55 11.78 -12.23
CA SER A 335 -19.55 11.78 -12.24
C SER A 335 -19.68 10.41 -12.89
N SER A 336 -19.80 10.37 -14.22
CA SER A 336 -19.96 9.10 -14.90
C SER A 336 -18.69 8.26 -14.83
N VAL A 337 -17.53 8.90 -14.92
CA VAL A 337 -16.28 8.14 -14.87
C VAL A 337 -15.88 7.83 -13.43
N GLY A 338 -16.23 8.70 -12.49
CA GLY A 338 -15.90 8.51 -11.10
C GLY A 338 -14.72 9.32 -10.60
N GLY A 339 -14.46 10.48 -11.17
CA GLY A 339 -13.43 11.35 -10.66
C GLY A 339 -12.96 12.32 -11.72
N TYR A 340 -11.87 12.98 -11.40
CA TYR A 340 -11.24 13.89 -12.33
C TYR A 340 -10.59 13.15 -13.48
N VAL A 341 -10.87 13.65 -14.68
CA VAL A 341 -10.28 13.20 -15.93
C VAL A 341 -9.67 14.41 -16.61
N PHE A 342 -8.75 14.15 -17.53
CA PHE A 342 -8.05 15.25 -18.18
C PHE A 342 -7.67 14.83 -19.60
N PRO A 343 -7.44 15.78 -20.49
CA PRO A 343 -7.06 15.42 -21.86
C PRO A 343 -5.72 14.69 -21.85
N CYS A 344 -5.68 13.55 -22.55
CA CYS A 344 -4.44 12.78 -22.55
C CYS A 344 -3.29 13.56 -23.17
N SER A 345 -3.58 14.60 -23.96
CA SER A 345 -2.55 15.46 -24.55
C SER A 345 -1.92 16.41 -23.56
N ALA A 346 -2.43 16.51 -22.33
CA ALA A 346 -1.89 17.46 -21.37
C ALA A 346 -0.53 16.99 -20.83
N THR A 347 0.29 17.97 -20.46
CA THR A 347 1.45 17.76 -19.59
C THR A 347 1.06 18.21 -18.18
N LEU A 348 1.11 17.30 -17.22
CA LEU A 348 0.56 17.59 -15.91
C LEU A 348 1.58 18.33 -15.03
N PRO A 349 1.12 19.24 -14.18
CA PRO A 349 2.03 19.86 -13.21
C PRO A 349 2.34 18.90 -12.08
N SER A 350 3.45 19.16 -11.40
CA SER A 350 3.79 18.41 -10.21
C SER A 350 2.83 18.78 -9.06
N PHE A 351 2.89 17.97 -8.00
CA PHE A 351 2.15 18.24 -6.78
C PHE A 351 3.12 18.02 -5.62
N THR A 352 3.25 18.99 -4.73
CA THR A 352 4.14 18.91 -3.60
C THR A 352 3.33 18.76 -2.32
N PHE A 353 3.74 17.85 -1.43
CA PHE A 353 3.15 17.80 -0.11
C PHE A 353 4.21 18.00 0.97
N GLY A 354 3.78 18.58 2.10
CA GLY A 354 4.69 18.89 3.18
C GLY A 354 4.78 17.76 4.20
N VAL A 355 6.00 17.53 4.69
CA VAL A 355 6.26 16.65 5.81
C VAL A 355 7.08 17.51 6.76
N GLY A 356 6.45 18.01 7.82
CA GLY A 356 7.15 19.02 8.61
C GLY A 356 7.56 20.17 7.71
N SER A 357 8.80 20.63 7.87
CA SER A 357 9.34 21.66 6.99
CA SER A 357 9.36 21.66 7.00
C SER A 357 9.85 21.11 5.66
N ALA A 358 9.88 19.80 5.47
CA ALA A 358 10.36 19.21 4.24
C ALA A 358 9.24 19.15 3.20
N ARG A 359 9.63 18.91 1.95
CA ARG A 359 8.71 18.94 0.82
C ARG A 359 8.99 17.74 -0.07
N ILE A 360 7.95 16.97 -0.38
CA ILE A 360 8.05 15.85 -1.32
C ILE A 360 7.35 16.27 -2.59
N VAL A 361 8.05 16.20 -3.71
CA VAL A 361 7.53 16.62 -5.00
C VAL A 361 7.13 15.39 -5.81
N ILE A 362 5.85 15.30 -6.15
CA ILE A 362 5.33 14.25 -7.03
C ILE A 362 5.40 14.79 -8.47
N PRO A 363 6.24 14.25 -9.34
CA PRO A 363 6.26 14.75 -10.72
C PRO A 363 4.91 14.57 -11.40
N GLY A 364 4.60 15.50 -12.32
CA GLY A 364 3.32 15.45 -13.02
C GLY A 364 3.05 14.12 -13.67
N ASP A 365 4.08 13.49 -14.28
CA ASP A 365 3.81 12.24 -14.96
C ASP A 365 3.30 11.15 -14.02
N TYR A 366 3.61 11.22 -12.73
CA TYR A 366 3.14 10.21 -11.80
C TYR A 366 1.63 10.28 -11.61
N ILE A 367 1.01 11.38 -12.03
CA ILE A 367 -0.40 11.63 -11.82
C ILE A 367 -1.25 11.20 -13.03
N ASP A 368 -0.61 10.68 -14.07
CA ASP A 368 -1.31 10.24 -15.26
C ASP A 368 -1.59 8.74 -15.15
N PHE A 369 -2.88 8.38 -15.11
CA PHE A 369 -3.31 6.99 -15.09
C PHE A 369 -3.91 6.51 -16.40
N GLY A 370 -3.67 7.23 -17.48
CA GLY A 370 -3.93 6.74 -18.81
C GLY A 370 -5.39 6.79 -19.20
N PRO A 371 -5.68 6.34 -20.42
CA PRO A 371 -7.04 6.48 -20.95
C PRO A 371 -8.09 5.82 -20.08
N ILE A 372 -9.25 6.47 -19.97
CA ILE A 372 -10.31 5.95 -19.11
C ILE A 372 -10.83 4.62 -19.64
N SER A 373 -10.78 4.42 -20.95
CA SER A 373 -11.09 3.17 -21.60
C SER A 373 -10.20 3.10 -22.82
N THR A 374 -9.96 1.90 -23.32
CA THR A 374 -8.99 1.75 -24.40
C THR A 374 -9.36 2.62 -25.60
N GLY A 375 -8.37 3.38 -26.07
CA GLY A 375 -8.57 4.25 -27.22
C GLY A 375 -9.13 5.62 -26.91
N SER A 376 -9.55 5.88 -25.67
CA SER A 376 -10.07 7.19 -25.33
C SER A 376 -8.95 8.22 -25.22
N SER A 377 -9.25 9.47 -25.54
CA SER A 377 -8.33 10.57 -25.32
C SER A 377 -8.57 11.29 -24.00
N SER A 378 -9.47 10.77 -23.17
CA SER A 378 -9.67 11.25 -21.81
CA SER A 378 -9.67 11.25 -21.81
C SER A 378 -8.91 10.33 -20.87
N CYS A 379 -8.09 10.91 -20.00
CA CYS A 379 -7.21 10.17 -19.12
C CYS A 379 -7.64 10.33 -17.66
N PHE A 380 -7.38 9.31 -16.86
CA PHE A 380 -7.80 9.32 -15.47
C PHE A 380 -6.73 9.93 -14.58
N GLY A 381 -7.14 10.85 -13.70
CA GLY A 381 -6.19 11.51 -12.84
C GLY A 381 -5.77 10.68 -11.64
N GLY A 382 -4.52 10.91 -11.21
CA GLY A 382 -3.98 10.18 -10.06
C GLY A 382 -4.15 10.87 -8.72
N ILE A 383 -4.71 12.08 -8.73
CA ILE A 383 -5.10 12.83 -7.54
C ILE A 383 -6.61 12.97 -7.62
N GLN A 384 -7.30 12.48 -6.58
CA GLN A 384 -8.75 12.42 -6.57
C GLN A 384 -9.26 12.89 -5.21
N SER A 385 -10.52 13.31 -5.17
CA SER A 385 -11.13 13.76 -3.93
C SER A 385 -11.35 12.60 -2.96
N SER A 386 -11.08 12.85 -1.69
CA SER A 386 -11.40 11.90 -0.64
C SER A 386 -12.81 12.07 -0.09
N ALA A 387 -13.61 12.98 -0.65
CA ALA A 387 -14.89 13.31 -0.03
C ALA A 387 -15.75 12.07 0.20
N GLY A 388 -15.83 11.18 -0.77
CA GLY A 388 -16.65 9.99 -0.56
C GLY A 388 -16.05 8.91 0.31
N ILE A 389 -14.78 9.03 0.71
CA ILE A 389 -14.06 7.98 1.44
C ILE A 389 -14.14 8.18 2.94
N GLY A 390 -14.03 9.42 3.41
CA GLY A 390 -14.05 9.69 4.82
C GLY A 390 -12.68 9.87 5.44
N ILE A 391 -11.62 9.63 4.68
CA ILE A 391 -10.25 9.84 5.15
C ILE A 391 -9.40 10.19 3.94
N ASN A 392 -8.38 11.01 4.17
CA ASN A 392 -7.40 11.29 3.12
C ASN A 392 -6.39 10.15 3.08
N ILE A 393 -5.99 9.77 1.86
CA ILE A 393 -5.13 8.61 1.68
C ILE A 393 -3.93 9.00 0.85
N PHE A 394 -2.75 8.97 1.47
CA PHE A 394 -1.49 9.11 0.75
C PHE A 394 -1.12 7.73 0.22
N GLY A 395 -1.69 7.40 -0.95
CA GLY A 395 -1.46 6.15 -1.62
C GLY A 395 -0.20 6.18 -2.46
N ASP A 396 -0.10 5.19 -3.37
CA ASP A 396 1.15 4.97 -4.11
C ASP A 396 1.60 6.20 -4.90
N VAL A 397 0.65 6.96 -5.47
CA VAL A 397 1.03 8.17 -6.21
C VAL A 397 1.91 9.08 -5.38
N ALA A 398 1.57 9.25 -4.09
CA ALA A 398 2.41 10.05 -3.20
C ALA A 398 3.62 9.28 -2.72
N LEU A 399 3.42 8.05 -2.25
CA LEU A 399 4.51 7.33 -1.60
C LEU A 399 5.64 7.01 -2.55
N LYS A 400 5.34 6.77 -3.83
CA LYS A 400 6.39 6.41 -4.77
C LYS A 400 7.32 7.59 -5.09
N ALA A 401 6.94 8.81 -4.72
CA ALA A 401 7.83 9.96 -4.84
C ALA A 401 8.80 10.06 -3.69
N ALA A 402 8.75 9.14 -2.72
CA ALA A 402 9.56 9.28 -1.51
C ALA A 402 10.15 7.92 -1.12
N PHE A 403 11.15 8.00 -0.26
CA PHE A 403 11.61 6.86 0.52
C PHE A 403 10.90 7.00 1.87
N VAL A 404 10.12 5.99 2.24
CA VAL A 404 9.19 6.10 3.37
C VAL A 404 9.58 5.10 4.45
N VAL A 405 9.80 5.61 5.66
CA VAL A 405 10.15 4.79 6.82
C VAL A 405 8.91 4.62 7.69
N PHE A 406 8.54 3.36 7.91
CA PHE A 406 7.48 3.00 8.85
C PHE A 406 8.18 2.54 10.12
N ASN A 407 8.29 3.46 11.09
CA ASN A 407 9.06 3.22 12.29
C ASN A 407 8.13 2.66 13.35
N GLY A 408 8.32 1.39 13.67
CA GLY A 408 7.50 0.70 14.65
C GLY A 408 8.03 0.65 16.07
N ALA A 409 8.76 1.65 16.45
CA ALA A 409 9.19 1.74 17.83
C ALA A 409 7.94 1.90 18.74
N THR A 410 8.17 1.88 20.06
CA THR A 410 7.04 1.92 21.04
C THR A 410 6.12 3.07 20.73
N THR A 411 6.69 4.19 20.33
CA THR A 411 5.90 5.29 19.82
C THR A 411 6.21 5.38 18.30
N PRO A 412 5.30 4.82 17.47
CA PRO A 412 5.59 4.81 16.03
C PRO A 412 5.68 6.17 15.42
N THR A 413 6.48 6.30 14.36
CA THR A 413 6.58 7.52 13.58
C THR A 413 6.73 7.13 12.11
N LEU A 414 6.58 8.13 11.24
CA LEU A 414 6.77 7.95 9.81
C LEU A 414 7.88 8.89 9.36
N GLY A 415 8.74 8.40 8.48
CA GLY A 415 9.78 9.23 7.90
C GLY A 415 9.62 9.31 6.39
N PHE A 416 9.91 10.49 5.83
CA PHE A 416 9.88 10.69 4.39
C PHE A 416 11.17 11.37 3.96
N ALA A 417 11.77 10.85 2.88
CA ALA A 417 12.88 11.50 2.21
C ALA A 417 12.60 11.56 0.71
N SER A 418 13.12 12.59 0.07
CA SER A 418 13.17 12.61 -1.39
C SER A 418 14.15 11.56 -1.89
N LYS A 419 14.06 11.23 -3.17
CA LYS A 419 14.95 10.22 -3.72
C LYS A 419 15.22 10.45 -5.19
#